data_9CXW
#
_entry.id   9CXW
#
_cell.length_a   52.854
_cell.length_b   111.765
_cell.length_c   132.661
_cell.angle_alpha   90.00
_cell.angle_beta   90.00
_cell.angle_gamma   90.00
#
_symmetry.space_group_name_H-M   'P 21 21 21'
#
loop_
_entity.id
_entity.type
_entity.pdbx_description
1 polymer Fructosamine-3-kinase
2 non-polymer 'MAGNESIUM ION'
3 non-polymer 'SULFATE ION'
4 non-polymer "ADENOSINE-5'-DIPHOSPHATE"
5 non-polymer GLYCEROL
6 non-polymer 1-deoxy-1-(morpholin-4-yl)-D-fructose
7 water water
#
_entity_poly.entity_id   1
_entity_poly.type   'polypeptide(L)'
_entity_poly.pdbx_seq_one_letter_code
;AMEQLLRAELRTATLRAFGGPGAGCISEGRAYDTDAGPVFVKVNRRTQARQMFEGEVASLEALRSTGLVRVPRPMKVIDL
PGGGAAFVMEHLKMKSLSSQASKLGEQMADLHLYNQKGSSYVDKFGFHTVTCCGFIPQVNEWQDDWPTFFARHRLQAQLD
LIEKDYADREARELWSRLQVKIPDLFCGLEIVPALLHGDLWSGNVAEDDVGPIIYDPASFYGHSEFELAIALMFGGFPRS
FFTAYHRKIPKAPGFDQRLLLYQLFNYLNHWNHFGREYRSPSLGTMRRLLK
;
_entity_poly.pdbx_strand_id   A,B
#
loop_
_chem_comp.id
_chem_comp.type
_chem_comp.name
_chem_comp.formula
A1A0O non-polymer 1-deoxy-1-(morpholin-4-yl)-D-fructose 'C10 H19 N O6'
ADP non-polymer ADENOSINE-5'-DIPHOSPHATE 'C10 H15 N5 O10 P2'
GOL non-polymer GLYCEROL 'C3 H8 O3'
MG non-polymer 'MAGNESIUM ION' 'Mg 2'
SO4 non-polymer 'SULFATE ION' 'O4 S -2'
#
# COMPACT_ATOMS: atom_id res chain seq x y z
N ALA A 1 9.45 -18.13 19.03
CA ALA A 1 9.11 -17.14 18.01
C ALA A 1 7.92 -17.64 17.21
N MET A 2 7.61 -16.97 16.10
CA MET A 2 6.52 -17.44 15.27
C MET A 2 6.83 -18.78 14.61
N GLU A 3 8.09 -19.03 14.24
CA GLU A 3 8.43 -20.32 13.67
C GLU A 3 8.21 -21.47 14.66
N GLN A 4 8.54 -21.26 15.94
CA GLN A 4 8.27 -22.28 16.95
C GLN A 4 6.78 -22.46 17.14
N LEU A 5 6.05 -21.35 17.13
CA LEU A 5 4.60 -21.43 17.27
C LEU A 5 3.98 -22.23 16.13
N LEU A 6 4.47 -22.02 14.90
CA LEU A 6 3.97 -22.75 13.74
C LEU A 6 4.33 -24.23 13.82
N ARG A 7 5.58 -24.53 14.18
CA ARG A 7 5.98 -25.91 14.38
C ARG A 7 5.06 -26.60 15.38
N ALA A 8 4.71 -25.91 16.46
CA ALA A 8 3.87 -26.53 17.49
C ALA A 8 2.42 -26.67 17.03
N GLU A 9 1.84 -25.61 16.46
CA GLU A 9 0.43 -25.64 16.08
C GLU A 9 0.18 -26.58 14.91
N LEU A 10 1.15 -26.73 14.01
CA LEU A 10 0.98 -27.64 12.89
C LEU A 10 1.50 -29.02 13.20
N ARG A 11 2.26 -29.17 14.29
CA ARG A 11 2.80 -30.47 14.74
C ARG A 11 3.75 -31.04 13.69
N THR A 12 4.71 -30.23 13.29
CA THR A 12 5.68 -30.60 12.29
C THR A 12 7.09 -30.44 12.86
N ALA A 13 7.93 -31.43 12.59
CA ALA A 13 9.34 -31.33 12.95
C ALA A 13 10.03 -30.26 12.10
N THR A 14 9.77 -30.25 10.79
CA THR A 14 10.40 -29.28 9.90
C THR A 14 9.46 -28.13 9.57
N LEU A 15 10.08 -27.00 9.24
CA LEU A 15 9.37 -25.79 8.85
C LEU A 15 10.44 -24.99 8.10
N ARG A 16 10.57 -25.28 6.80
CA ARG A 16 11.63 -24.73 5.99
C ARG A 16 11.00 -23.74 5.03
N ALA A 17 11.31 -22.47 5.25
CA ALA A 17 10.83 -21.43 4.36
C ALA A 17 11.33 -21.67 2.94
N PHE A 18 10.54 -21.25 1.97
CA PHE A 18 10.92 -21.29 0.57
C PHE A 18 10.05 -20.29 -0.18
N GLY A 19 10.46 -19.98 -1.42
CA GLY A 19 9.73 -19.02 -2.23
C GLY A 19 9.88 -17.57 -1.84
N GLY A 20 10.65 -17.26 -0.80
CA GLY A 20 10.88 -15.88 -0.38
C GLY A 20 9.62 -15.10 -0.04
N CYS A 25 4.28 -3.87 -4.78
CA CYS A 25 3.71 -4.04 -3.45
C CYS A 25 3.60 -2.68 -2.76
N ILE A 26 3.15 -2.66 -1.50
CA ILE A 26 3.01 -1.43 -0.73
C ILE A 26 2.12 -0.41 -1.45
N SER A 27 1.21 -0.89 -2.30
CA SER A 27 0.38 -0.05 -3.18
C SER A 27 1.23 0.72 -4.20
N GLU A 28 2.08 -0.03 -4.91
CA GLU A 28 2.91 0.52 -5.98
C GLU A 28 2.59 -0.08 -7.34
N GLY A 29 3.39 -1.09 -7.71
CA GLY A 29 3.28 -1.75 -9.00
C GLY A 29 3.58 -3.24 -8.91
N ARG A 30 4.19 -3.75 -9.98
CA ARG A 30 4.38 -5.17 -10.20
C ARG A 30 5.73 -5.41 -10.86
N ALA A 31 6.22 -6.62 -10.69
CA ALA A 31 7.46 -7.06 -11.29
C ALA A 31 7.12 -7.79 -12.57
N TYR A 32 7.95 -7.61 -13.60
CA TYR A 32 7.73 -8.27 -14.89
C TYR A 32 9.05 -8.86 -15.34
N ASP A 33 8.99 -10.05 -15.90
CA ASP A 33 10.14 -10.64 -16.56
C ASP A 33 10.18 -10.13 -18.00
N THR A 34 11.33 -9.62 -18.40
CA THR A 34 11.53 -8.92 -19.67
C THR A 34 12.69 -9.59 -20.37
N ASP A 35 12.73 -9.45 -21.70
CA ASP A 35 13.79 -10.07 -22.48
C ASP A 35 15.17 -9.58 -22.06
N ALA A 36 15.28 -8.32 -21.65
CA ALA A 36 16.55 -7.71 -21.28
C ALA A 36 16.83 -7.78 -19.77
N GLY A 37 16.09 -8.62 -19.03
CA GLY A 37 16.24 -8.71 -17.59
C GLY A 37 14.91 -8.58 -16.89
N PRO A 38 14.87 -8.81 -15.60
CA PRO A 38 13.65 -8.53 -14.85
C PRO A 38 13.58 -7.03 -14.64
N VAL A 39 12.35 -6.50 -14.57
CA VAL A 39 12.18 -5.09 -14.27
C VAL A 39 11.12 -5.01 -13.20
N PHE A 40 11.13 -3.89 -12.48
CA PHE A 40 10.09 -3.63 -11.52
C PHE A 40 9.41 -2.34 -11.95
N VAL A 41 8.09 -2.31 -11.92
CA VAL A 41 7.33 -1.18 -12.44
C VAL A 41 6.42 -0.65 -11.36
N LYS A 42 6.56 0.63 -11.06
CA LYS A 42 5.68 1.32 -10.13
C LYS A 42 4.67 2.12 -10.92
N VAL A 43 3.41 2.05 -10.54
CA VAL A 43 2.36 2.76 -11.25
C VAL A 43 1.68 3.72 -10.30
N ASN A 44 1.48 4.94 -10.76
CA ASN A 44 0.69 5.90 -10.02
C ASN A 44 -0.20 6.61 -11.00
N ARG A 45 -1.51 6.53 -10.79
CA ARG A 45 -2.45 6.98 -11.78
C ARG A 45 -2.81 8.45 -11.66
N ARG A 46 -2.35 9.13 -10.62
CA ARG A 46 -2.69 10.53 -10.44
C ARG A 46 -1.89 11.41 -11.37
N THR A 47 -2.39 12.64 -11.52
CA THR A 47 -1.83 13.62 -12.44
C THR A 47 -0.41 14.07 -12.05
N GLN A 48 -0.07 14.02 -10.76
CA GLN A 48 1.24 14.45 -10.28
C GLN A 48 2.31 13.35 -10.38
N ALA A 49 1.92 12.19 -10.94
CA ALA A 49 2.78 11.01 -10.92
C ALA A 49 4.14 11.28 -11.54
N ARG A 50 4.17 11.88 -12.74
CA ARG A 50 5.46 12.11 -13.39
C ARG A 50 6.37 12.96 -12.50
N GLN A 51 5.85 14.06 -11.95
CA GLN A 51 6.71 14.90 -11.12
C GLN A 51 7.24 14.11 -9.94
N MET A 52 6.36 13.32 -9.32
CA MET A 52 6.78 12.50 -8.20
C MET A 52 7.89 11.52 -8.61
N PHE A 53 7.70 10.84 -9.73
CA PHE A 53 8.69 9.87 -10.14
C PHE A 53 9.96 10.56 -10.56
N GLU A 54 9.84 11.77 -11.11
CA GLU A 54 11.09 12.43 -11.48
C GLU A 54 11.90 12.77 -10.21
N GLY A 55 11.21 13.11 -9.13
CA GLY A 55 11.92 13.35 -7.88
C GLY A 55 12.60 12.09 -7.37
N GLU A 56 11.91 10.95 -7.53
CA GLU A 56 12.49 9.68 -7.10
C GLU A 56 13.66 9.33 -7.95
N VAL A 57 13.57 9.59 -9.27
CA VAL A 57 14.71 9.31 -10.13
C VAL A 57 15.89 10.17 -9.68
N ALA A 58 15.62 11.46 -9.42
CA ALA A 58 16.73 12.34 -9.05
C ALA A 58 17.34 11.88 -7.73
N SER A 59 16.50 11.41 -6.82
CA SER A 59 17.03 10.95 -5.54
C SER A 59 17.86 9.69 -5.75
N LEU A 60 17.32 8.74 -6.53
CA LEU A 60 18.09 7.53 -6.79
C LEU A 60 19.40 7.88 -7.47
N GLU A 61 19.39 8.89 -8.37
CA GLU A 61 20.64 9.16 -9.08
C GLU A 61 21.66 9.79 -8.14
N ALA A 62 21.21 10.66 -7.24
CA ALA A 62 22.15 11.29 -6.33
C ALA A 62 22.75 10.24 -5.41
N LEU A 63 21.95 9.27 -4.96
CA LEU A 63 22.50 8.23 -4.10
C LEU A 63 23.43 7.35 -4.90
N ARG A 64 23.03 7.04 -6.15
CA ARG A 64 23.87 6.15 -6.95
C ARG A 64 25.21 6.79 -7.18
N SER A 65 25.21 8.13 -7.30
CA SER A 65 26.47 8.80 -7.62
C SER A 65 27.51 8.63 -6.53
N THR A 66 27.08 8.44 -5.27
CA THR A 66 28.07 8.28 -4.21
C THR A 66 28.80 6.95 -4.30
N GLY A 67 28.21 5.95 -4.93
CA GLY A 67 28.72 4.60 -4.94
C GLY A 67 28.77 3.94 -3.59
N LEU A 68 28.08 4.47 -2.57
CA LEU A 68 28.20 3.91 -1.22
C LEU A 68 27.07 2.98 -0.82
N VAL A 69 25.90 3.05 -1.47
CA VAL A 69 24.78 2.22 -1.07
C VAL A 69 24.12 1.66 -2.33
N ARG A 70 23.60 0.46 -2.26
CA ARG A 70 22.98 -0.15 -3.44
C ARG A 70 21.53 0.27 -3.54
N VAL A 71 21.16 0.87 -4.67
CA VAL A 71 19.77 1.25 -4.90
C VAL A 71 19.37 0.71 -6.28
N PRO A 72 18.07 0.56 -6.53
CA PRO A 72 17.66 0.11 -7.88
C PRO A 72 17.99 1.19 -8.92
N ARG A 73 18.46 0.74 -10.06
N ARG A 73 18.45 0.75 -10.07
CA ARG A 73 18.80 1.65 -11.17
CA ARG A 73 18.80 1.66 -11.15
C ARG A 73 17.53 2.10 -11.87
C ARG A 73 17.55 2.11 -11.88
N PRO A 74 17.24 3.40 -11.90
CA PRO A 74 16.09 3.89 -12.64
C PRO A 74 16.26 3.69 -14.14
N MET A 75 15.19 3.26 -14.81
CA MET A 75 15.24 3.08 -16.25
C MET A 75 14.41 4.10 -17.01
N LYS A 76 13.12 4.20 -16.72
CA LYS A 76 12.29 5.01 -17.59
C LYS A 76 11.10 5.50 -16.82
N VAL A 77 10.66 6.73 -17.10
CA VAL A 77 9.37 7.22 -16.64
C VAL A 77 8.47 7.42 -17.87
N ILE A 78 7.32 6.77 -17.87
CA ILE A 78 6.42 6.65 -19.02
C ILE A 78 5.08 7.26 -18.66
N ASP A 79 4.58 8.16 -19.52
CA ASP A 79 3.25 8.72 -19.30
C ASP A 79 2.18 7.68 -19.65
N LEU A 80 1.17 7.60 -18.81
CA LEU A 80 0.15 6.59 -18.99
C LEU A 80 -1.08 7.20 -19.65
N PRO A 81 -1.60 6.59 -20.72
CA PRO A 81 -2.90 7.04 -21.26
C PRO A 81 -3.96 6.94 -20.18
N GLY A 82 -4.75 7.99 -20.05
CA GLY A 82 -5.71 7.97 -18.97
C GLY A 82 -5.10 8.30 -17.63
N GLY A 83 -4.00 9.05 -17.63
CA GLY A 83 -3.50 9.74 -16.44
C GLY A 83 -2.37 9.07 -15.67
N GLY A 84 -1.44 9.88 -15.18
CA GLY A 84 -0.40 9.34 -14.33
C GLY A 84 0.78 8.81 -15.12
N ALA A 85 1.51 7.90 -14.48
CA ALA A 85 2.79 7.51 -15.04
C ALA A 85 3.22 6.17 -14.44
N ALA A 86 4.16 5.55 -15.15
CA ALA A 86 4.78 4.30 -14.75
C ALA A 86 6.28 4.57 -14.63
N PHE A 87 6.91 3.99 -13.61
CA PHE A 87 8.34 4.16 -13.37
C PHE A 87 8.94 2.77 -13.41
N VAL A 88 9.80 2.54 -14.41
CA VAL A 88 10.46 1.25 -14.61
C VAL A 88 11.86 1.36 -14.05
N MET A 89 12.25 0.35 -13.25
CA MET A 89 13.58 0.30 -12.69
C MET A 89 14.09 -1.13 -12.73
N GLU A 90 15.39 -1.28 -12.52
CA GLU A 90 16.03 -2.59 -12.44
C GLU A 90 15.38 -3.40 -11.32
N HIS A 91 15.09 -4.66 -11.60
CA HIS A 91 14.54 -5.52 -10.57
C HIS A 91 15.65 -6.08 -9.69
N LEU A 92 15.41 -6.09 -8.38
CA LEU A 92 16.35 -6.62 -7.40
C LEU A 92 15.62 -7.70 -6.60
N LYS A 93 16.22 -8.88 -6.48
CA LYS A 93 15.68 -9.90 -5.59
C LYS A 93 16.00 -9.48 -4.17
N MET A 94 14.97 -9.35 -3.34
CA MET A 94 15.09 -8.57 -2.11
C MET A 94 14.43 -9.35 -0.98
N LYS A 95 15.08 -9.42 0.18
CA LYS A 95 14.55 -9.94 1.43
C LYS A 95 14.67 -8.86 2.51
N SER A 96 13.97 -9.05 3.62
CA SER A 96 14.00 -8.03 4.66
C SER A 96 15.40 -7.89 5.26
N LEU A 97 15.71 -6.69 5.72
CA LEU A 97 17.04 -6.43 6.24
C LEU A 97 17.24 -7.15 7.55
N SER A 98 18.25 -8.03 7.61
CA SER A 98 18.61 -8.72 8.85
C SER A 98 20.12 -8.90 8.91
N SER A 99 20.67 -9.90 8.23
CA SER A 99 22.11 -10.15 8.38
C SER A 99 22.96 -8.97 7.89
N GLN A 100 22.45 -8.15 6.96
CA GLN A 100 23.23 -7.04 6.43
C GLN A 100 22.96 -5.72 7.16
N ALA A 101 22.32 -5.77 8.33
CA ALA A 101 21.97 -4.53 9.03
C ALA A 101 23.20 -3.74 9.42
N SER A 102 24.24 -4.43 9.92
CA SER A 102 25.41 -3.71 10.39
C SER A 102 26.11 -3.06 9.21
N LYS A 103 26.16 -3.78 8.09
CA LYS A 103 26.74 -3.22 6.88
C LYS A 103 25.98 -1.98 6.43
N LEU A 104 24.64 -2.05 6.48
CA LEU A 104 23.84 -0.88 6.10
C LEU A 104 24.11 0.30 7.05
N GLY A 105 24.25 0.05 8.35
CA GLY A 105 24.63 1.14 9.26
C GLY A 105 25.90 1.85 8.84
N GLU A 106 26.93 1.06 8.48
CA GLU A 106 28.18 1.63 7.99
C GLU A 106 27.96 2.44 6.72
N GLN A 107 27.21 1.88 5.76
CA GLN A 107 27.03 2.59 4.49
C GLN A 107 26.25 3.87 4.67
N MET A 108 25.22 3.86 5.53
CA MET A 108 24.46 5.10 5.71
C MET A 108 25.30 6.17 6.42
N ALA A 109 26.16 5.77 7.36
CA ALA A 109 27.05 6.79 7.94
C ALA A 109 28.01 7.35 6.89
N ASP A 110 28.58 6.48 6.01
CA ASP A 110 29.43 6.98 4.96
C ASP A 110 28.65 7.93 4.03
N LEU A 111 27.43 7.56 3.69
CA LEU A 111 26.59 8.43 2.86
C LEU A 111 26.45 9.81 3.48
N HIS A 112 26.16 9.85 4.79
CA HIS A 112 26.00 11.14 5.43
C HIS A 112 27.31 11.92 5.52
N LEU A 113 28.46 11.24 5.51
CA LEU A 113 29.76 11.93 5.56
C LEU A 113 30.28 12.33 4.17
N TYR A 114 29.62 11.80 3.13
CA TYR A 114 30.13 11.95 1.77
C TYR A 114 30.23 13.39 1.33
N ASN A 115 29.24 14.22 1.69
CA ASN A 115 29.21 15.59 1.18
C ASN A 115 30.37 16.43 1.72
N GLN A 116 30.59 16.36 3.01
CA GLN A 116 31.60 17.24 3.58
C GLN A 116 32.97 16.75 3.18
N LYS A 117 33.09 15.43 3.07
CA LYS A 117 34.36 14.81 2.80
C LYS A 117 34.78 14.85 1.32
N GLY A 118 33.83 14.74 0.39
CA GLY A 118 34.15 14.74 -1.03
C GLY A 118 34.68 16.10 -1.52
N SER A 119 34.99 16.16 -2.83
CA SER A 119 35.65 17.33 -3.39
C SER A 119 34.69 18.41 -3.88
N SER A 120 33.45 18.03 -4.17
CA SER A 120 32.43 18.97 -4.63
C SER A 120 31.42 19.06 -3.50
N TYR A 121 31.28 20.25 -2.94
CA TYR A 121 30.70 20.41 -1.63
C TYR A 121 29.41 21.20 -1.75
N VAL A 122 28.31 20.55 -1.40
CA VAL A 122 27.01 21.20 -1.34
C VAL A 122 26.96 21.95 -0.01
N ASP A 123 26.86 23.27 -0.07
CA ASP A 123 27.09 24.06 1.14
C ASP A 123 25.81 24.59 1.74
N LYS A 124 24.65 24.12 1.28
CA LYS A 124 23.36 24.53 1.84
C LYS A 124 22.46 23.31 2.02
N PHE A 125 21.37 23.52 2.74
CA PHE A 125 20.39 22.45 2.96
C PHE A 125 19.27 22.60 1.94
N GLY A 126 18.81 21.47 1.42
CA GLY A 126 17.84 21.51 0.34
C GLY A 126 18.22 20.56 -0.77
N PHE A 127 17.76 20.85 -2.00
CA PHE A 127 17.99 19.94 -3.11
C PHE A 127 17.75 20.67 -4.42
N HIS A 128 18.26 20.11 -5.52
CA HIS A 128 18.17 20.82 -6.78
C HIS A 128 16.82 20.64 -7.46
N THR A 129 15.95 19.78 -6.92
CA THR A 129 14.62 19.54 -7.48
C THR A 129 13.67 19.10 -6.37
N VAL A 130 12.38 19.11 -6.68
CA VAL A 130 11.36 18.71 -5.71
C VAL A 130 11.40 17.19 -5.55
N THR A 131 11.39 16.73 -4.29
CA THR A 131 11.21 15.31 -3.99
C THR A 131 10.02 15.14 -3.06
N CYS A 132 9.27 14.05 -3.22
CA CYS A 132 8.06 13.84 -2.44
C CYS A 132 8.30 12.92 -1.25
N CYS A 133 7.86 13.36 -0.07
CA CYS A 133 7.77 12.40 1.03
C CYS A 133 6.40 11.74 0.88
N GLY A 134 6.43 10.44 0.56
CA GLY A 134 5.21 9.75 0.15
C GLY A 134 4.57 10.46 -1.03
N PHE A 135 3.33 10.95 -0.82
CA PHE A 135 2.57 11.60 -1.89
C PHE A 135 2.55 13.12 -1.81
N ILE A 136 3.29 13.73 -0.90
CA ILE A 136 3.26 15.18 -0.72
C ILE A 136 4.56 15.80 -1.26
N PRO A 137 4.48 16.73 -2.21
CA PRO A 137 5.68 17.37 -2.75
C PRO A 137 6.33 18.25 -1.70
N GLN A 138 7.64 18.23 -1.65
CA GLN A 138 8.30 19.09 -0.68
C GLN A 138 8.98 20.26 -1.39
N VAL A 139 9.06 21.40 -0.73
CA VAL A 139 9.92 22.46 -1.24
C VAL A 139 11.34 22.19 -0.74
N ASN A 140 12.31 22.24 -1.66
CA ASN A 140 13.71 21.97 -1.33
C ASN A 140 14.59 23.19 -1.56
N GLU A 141 14.00 24.38 -1.50
CA GLU A 141 14.71 25.65 -1.68
C GLU A 141 15.94 25.72 -0.79
N TRP A 142 17.09 26.02 -1.39
CA TRP A 142 18.37 26.02 -0.68
C TRP A 142 18.36 27.05 0.43
N GLN A 143 18.88 26.66 1.60
CA GLN A 143 18.91 27.52 2.79
C GLN A 143 20.24 27.30 3.47
N ASP A 144 20.83 28.38 3.95
CA ASP A 144 22.13 28.28 4.61
C ASP A 144 22.01 27.62 5.98
N ASP A 145 20.87 27.74 6.59
CA ASP A 145 20.68 27.42 8.00
C ASP A 145 19.73 26.23 8.14
N TRP A 146 20.17 25.14 8.79
CA TRP A 146 19.32 23.94 8.87
C TRP A 146 18.06 24.15 9.70
N PRO A 147 18.10 24.73 10.92
CA PRO A 147 16.84 24.93 11.63
C PRO A 147 15.84 25.79 10.85
N THR A 148 16.33 26.75 10.05
CA THR A 148 15.44 27.50 9.18
C THR A 148 14.84 26.61 8.12
N PHE A 149 15.67 25.87 7.40
CA PHE A 149 15.15 24.96 6.38
C PHE A 149 14.11 24.02 6.98
N PHE A 150 14.44 23.37 8.09
CA PHE A 150 13.53 22.37 8.63
C PHE A 150 12.24 23.00 9.13
N ALA A 151 12.34 24.13 9.84
CA ALA A 151 11.11 24.76 10.35
C ALA A 151 10.21 25.24 9.22
N ARG A 152 10.77 25.91 8.20
CA ARG A 152 9.96 26.45 7.09
C ARG A 152 9.50 25.39 6.08
N HIS A 153 10.44 24.59 5.54
CA HIS A 153 10.11 23.72 4.41
C HIS A 153 9.78 22.30 4.82
N ARG A 154 9.76 21.99 6.11
CA ARG A 154 9.26 20.69 6.55
C ARG A 154 8.16 20.88 7.57
N LEU A 155 8.47 21.44 8.75
CA LEU A 155 7.43 21.47 9.80
C LEU A 155 6.29 22.41 9.43
N GLN A 156 6.61 23.63 9.01
CA GLN A 156 5.57 24.62 8.71
C GLN A 156 4.70 24.18 7.54
N ALA A 157 5.32 23.59 6.51
CA ALA A 157 4.54 23.10 5.38
C ALA A 157 3.49 22.09 5.83
N GLN A 158 3.91 21.15 6.68
CA GLN A 158 2.99 20.14 7.20
C GLN A 158 1.90 20.79 8.06
N LEU A 159 2.29 21.75 8.91
CA LEU A 159 1.28 22.34 9.80
C LEU A 159 0.32 23.26 9.05
N ASP A 160 0.76 23.88 7.96
CA ASP A 160 -0.16 24.65 7.12
C ASP A 160 -1.17 23.71 6.46
N LEU A 161 -0.74 22.53 6.01
CA LEU A 161 -1.71 21.59 5.46
C LEU A 161 -2.68 21.13 6.56
N ILE A 162 -2.20 20.93 7.77
CA ILE A 162 -3.11 20.55 8.85
C ILE A 162 -4.07 21.66 9.19
N GLU A 163 -3.63 22.91 9.16
CA GLU A 163 -4.56 24.00 9.37
C GLU A 163 -5.62 24.04 8.26
N LYS A 164 -5.18 23.95 7.00
CA LYS A 164 -6.12 23.95 5.89
C LYS A 164 -7.16 22.85 6.01
N ASP A 165 -6.71 21.60 6.23
CA ASP A 165 -7.62 20.47 6.08
C ASP A 165 -8.30 20.09 7.38
N TYR A 166 -7.76 20.45 8.53
CA TYR A 166 -8.34 20.06 9.81
C TYR A 166 -8.66 21.22 10.72
N ALA A 167 -8.11 22.41 10.47
CA ALA A 167 -8.32 23.59 11.35
C ALA A 167 -8.13 23.21 12.82
N ASP A 168 -7.02 22.53 13.11
CA ASP A 168 -6.80 21.99 14.45
C ASP A 168 -6.24 23.08 15.35
N ARG A 169 -7.04 23.48 16.36
CA ARG A 169 -6.62 24.56 17.25
C ARG A 169 -5.38 24.18 18.05
N GLU A 170 -5.35 22.97 18.59
CA GLU A 170 -4.22 22.57 19.44
C GLU A 170 -2.91 22.53 18.65
N ALA A 171 -2.94 22.01 17.43
CA ALA A 171 -1.73 22.02 16.60
C ALA A 171 -1.25 23.44 16.36
N ARG A 172 -2.18 24.36 16.08
CA ARG A 172 -1.85 25.76 15.83
C ARG A 172 -1.18 26.41 17.05
N GLU A 173 -1.75 26.22 18.24
CA GLU A 173 -1.18 26.88 19.42
C GLU A 173 0.14 26.23 19.83
N LEU A 174 0.21 24.90 19.79
CA LEU A 174 1.46 24.23 20.14
C LEU A 174 2.57 24.67 19.19
N TRP A 175 2.25 24.83 17.90
CA TRP A 175 3.29 25.29 16.96
C TRP A 175 3.77 26.69 17.30
N SER A 176 2.82 27.59 17.61
CA SER A 176 3.22 28.94 18.04
C SER A 176 4.24 28.89 19.17
N ARG A 177 4.02 28.03 20.17
CA ARG A 177 4.98 27.92 21.28
C ARG A 177 6.27 27.19 20.90
N LEU A 178 6.19 26.16 20.05
CA LEU A 178 7.35 25.31 19.75
C LEU A 178 8.36 26.01 18.86
N GLN A 179 7.84 26.79 17.91
CA GLN A 179 8.67 27.44 16.93
C GLN A 179 9.79 28.21 17.57
N VAL A 180 9.50 28.93 18.67
CA VAL A 180 10.52 29.73 19.32
C VAL A 180 11.59 28.86 19.97
N LYS A 181 11.24 27.62 20.38
CA LYS A 181 12.18 26.80 21.14
C LYS A 181 13.14 26.05 20.25
N ILE A 182 12.85 25.96 18.95
CA ILE A 182 13.70 25.13 18.06
C ILE A 182 15.18 25.51 18.11
N PRO A 183 15.58 26.79 17.98
CA PRO A 183 17.03 27.10 18.01
C PRO A 183 17.75 26.59 19.24
N ASP A 184 17.08 26.49 20.41
CA ASP A 184 17.76 25.93 21.58
C ASP A 184 18.27 24.51 21.34
N LEU A 185 17.61 23.75 20.46
CA LEU A 185 18.04 22.39 20.24
C LEU A 185 19.32 22.29 19.42
N PHE A 186 19.70 23.37 18.74
CA PHE A 186 20.83 23.37 17.84
C PHE A 186 21.98 24.26 18.26
N CYS A 187 21.84 25.00 19.36
CA CYS A 187 22.94 25.92 19.66
C CYS A 187 24.20 25.15 20.06
N GLY A 188 25.34 25.78 19.74
CA GLY A 188 26.66 25.24 20.07
C GLY A 188 27.07 24.01 19.28
N LEU A 189 26.41 23.70 18.16
CA LEU A 189 26.74 22.53 17.34
C LEU A 189 26.96 22.94 15.89
N GLU A 190 27.91 22.26 15.26
CA GLU A 190 28.19 22.41 13.83
C GLU A 190 27.29 21.45 13.04
N ILE A 191 26.49 21.99 12.12
CA ILE A 191 25.66 21.14 11.24
C ILE A 191 26.16 21.30 9.80
N VAL A 192 26.53 20.19 9.17
CA VAL A 192 27.04 20.17 7.80
C VAL A 192 25.97 19.51 6.93
N PRO A 193 25.68 20.02 5.72
CA PRO A 193 24.67 19.35 4.88
C PRO A 193 25.12 17.93 4.61
N ALA A 194 24.15 16.99 4.67
CA ALA A 194 24.42 15.58 4.47
C ALA A 194 23.36 15.05 3.50
N LEU A 195 23.79 14.34 2.48
CA LEU A 195 22.82 13.75 1.54
C LEU A 195 22.04 12.67 2.25
N LEU A 196 20.70 12.78 2.26
CA LEU A 196 19.84 11.81 2.94
C LEU A 196 19.03 10.99 1.95
N HIS A 197 18.82 9.71 2.28
CA HIS A 197 17.79 8.93 1.60
C HIS A 197 16.44 9.63 1.75
N GLY A 198 16.15 10.09 2.97
CA GLY A 198 14.97 10.93 3.21
C GLY A 198 13.71 10.21 3.67
N ASP A 199 13.67 8.89 3.58
CA ASP A 199 12.48 8.15 3.97
C ASP A 199 12.88 6.74 4.42
N LEU A 200 13.87 6.64 5.31
CA LEU A 200 14.49 5.34 5.58
C LEU A 200 13.71 4.56 6.63
N TRP A 201 12.42 4.34 6.39
CA TRP A 201 11.79 3.39 7.32
C TRP A 201 12.06 1.93 6.90
N SER A 202 11.69 1.00 7.79
CA SER A 202 12.14 -0.37 7.60
C SER A 202 11.58 -0.97 6.32
N GLY A 203 10.42 -0.46 5.88
CA GLY A 203 9.81 -0.94 4.65
C GLY A 203 10.49 -0.45 3.39
N ASN A 204 11.45 0.48 3.49
CA ASN A 204 12.17 1.00 2.33
C ASN A 204 13.62 0.51 2.29
N VAL A 205 13.93 -0.53 3.06
CA VAL A 205 15.27 -1.13 3.05
C VAL A 205 15.11 -2.64 2.99
N ALA A 206 16.16 -3.30 2.52
CA ALA A 206 16.12 -4.74 2.26
C ALA A 206 17.53 -5.25 2.11
N GLU A 207 17.66 -6.50 1.67
CA GLU A 207 19.00 -6.99 1.36
C GLU A 207 18.89 -8.12 0.36
N ASP A 208 20.02 -8.43 -0.25
CA ASP A 208 20.14 -9.64 -1.06
C ASP A 208 21.39 -10.39 -0.58
N ASP A 209 21.86 -11.34 -1.40
CA ASP A 209 23.02 -12.13 -1.01
C ASP A 209 24.29 -11.32 -1.01
N VAL A 210 24.33 -10.21 -1.75
CA VAL A 210 25.51 -9.38 -1.81
C VAL A 210 25.57 -8.32 -0.67
N GLY A 211 24.44 -7.78 -0.22
CA GLY A 211 24.48 -6.75 0.80
C GLY A 211 23.15 -6.05 0.90
N PRO A 212 23.11 -4.94 1.63
CA PRO A 212 21.84 -4.24 1.83
C PRO A 212 21.48 -3.42 0.60
N ILE A 213 20.19 -3.08 0.53
CA ILE A 213 19.60 -2.30 -0.54
C ILE A 213 18.67 -1.28 0.09
N ILE A 214 18.60 -0.06 -0.45
CA ILE A 214 17.62 0.92 0.00
C ILE A 214 16.91 1.46 -1.25
N TYR A 215 15.66 1.89 -1.10
CA TYR A 215 14.87 2.31 -2.25
C TYR A 215 13.75 3.25 -1.81
N ASP A 216 12.97 3.72 -2.80
CA ASP A 216 11.89 4.68 -2.54
C ASP A 216 12.39 5.91 -1.79
N PRO A 217 13.48 6.53 -2.24
CA PRO A 217 14.03 7.68 -1.49
C PRO A 217 13.23 8.95 -1.75
N ALA A 218 13.42 9.90 -0.85
CA ALA A 218 12.93 11.28 -1.00
C ALA A 218 14.08 12.20 -0.53
N SER A 219 15.07 12.36 -1.40
CA SER A 219 16.38 12.83 -0.94
C SER A 219 16.45 14.34 -0.88
N PHE A 220 17.37 14.82 -0.04
CA PHE A 220 17.70 16.23 0.07
C PHE A 220 18.94 16.25 0.95
N TYR A 221 19.57 17.41 1.02
CA TYR A 221 20.70 17.66 1.92
C TYR A 221 20.15 18.21 3.24
N GLY A 222 20.34 17.46 4.32
CA GLY A 222 19.75 17.82 5.61
C GLY A 222 20.70 17.56 6.76
N HIS A 223 20.24 17.67 8.00
CA HIS A 223 21.03 17.20 9.14
C HIS A 223 21.06 15.67 9.12
N SER A 224 22.24 15.05 9.32
CA SER A 224 22.32 13.58 9.23
C SER A 224 21.32 12.90 10.19
N GLU A 225 21.12 13.47 11.38
CA GLU A 225 20.30 12.84 12.39
C GLU A 225 18.86 12.67 11.91
N PHE A 226 18.41 13.54 11.03
CA PHE A 226 17.00 13.40 10.59
C PHE A 226 16.75 12.03 9.97
N GLU A 227 17.77 11.47 9.28
CA GLU A 227 17.59 10.18 8.62
C GLU A 227 17.05 9.12 9.57
N LEU A 228 17.59 9.09 10.79
CA LEU A 228 17.36 8.00 11.73
C LEU A 228 15.99 8.06 12.41
N ALA A 229 15.30 9.20 12.32
CA ALA A 229 14.10 9.40 13.13
C ALA A 229 13.01 8.42 12.71
N ILE A 230 12.76 8.32 11.41
CA ILE A 230 11.71 7.40 10.95
C ILE A 230 12.13 5.95 11.14
N ALA A 231 13.44 5.66 11.02
CA ALA A 231 13.94 4.31 11.28
C ALA A 231 13.63 3.88 12.71
N LEU A 232 13.84 4.79 13.67
CA LEU A 232 13.62 4.47 15.07
C LEU A 232 12.14 4.43 15.41
N MET A 233 11.37 5.37 14.89
CA MET A 233 10.01 5.55 15.37
C MET A 233 9.10 4.43 14.91
N PHE A 234 9.37 3.81 13.75
CA PHE A 234 8.48 2.72 13.32
C PHE A 234 9.08 1.33 13.49
N GLY A 235 10.28 1.21 14.04
CA GLY A 235 10.98 -0.04 14.29
C GLY A 235 11.41 -0.77 13.03
N GLY A 236 11.78 -2.03 13.25
CA GLY A 236 12.14 -2.92 12.16
C GLY A 236 13.62 -3.00 11.86
N PHE A 237 14.46 -2.08 12.41
CA PHE A 237 15.92 -2.16 12.16
C PHE A 237 16.59 -2.87 13.31
N PRO A 238 17.40 -3.89 13.04
CA PRO A 238 18.18 -4.51 14.11
C PRO A 238 19.07 -3.50 14.84
N ARG A 239 19.29 -3.75 16.13
CA ARG A 239 20.15 -2.87 16.93
C ARG A 239 21.52 -2.69 16.29
N SER A 240 22.05 -3.75 15.66
CA SER A 240 23.38 -3.65 15.06
C SER A 240 23.45 -2.61 13.95
N PHE A 241 22.32 -2.28 13.29
CA PHE A 241 22.31 -1.16 12.35
C PHE A 241 22.73 0.13 13.05
N PHE A 242 22.06 0.45 14.16
CA PHE A 242 22.38 1.70 14.86
C PHE A 242 23.75 1.64 15.50
N THR A 243 24.15 0.47 16.00
CA THR A 243 25.49 0.34 16.58
C THR A 243 26.56 0.65 15.55
N ALA A 244 26.45 0.05 14.37
CA ALA A 244 27.43 0.33 13.33
C ALA A 244 27.38 1.80 12.93
N TYR A 245 26.18 2.37 12.80
CA TYR A 245 26.07 3.76 12.36
C TYR A 245 26.75 4.71 13.36
N HIS A 246 26.46 4.54 14.64
CA HIS A 246 26.93 5.48 15.66
C HIS A 246 28.37 5.23 16.04
N ARG A 247 28.94 4.07 15.67
CA ARG A 247 30.40 4.01 15.74
C ARG A 247 31.07 5.01 14.82
N LYS A 248 30.46 5.29 13.66
CA LYS A 248 31.06 6.27 12.75
C LYS A 248 30.60 7.70 12.98
N ILE A 249 29.36 7.88 13.40
CA ILE A 249 28.78 9.21 13.66
C ILE A 249 28.13 9.10 15.04
N PRO A 250 28.88 9.32 16.12
CA PRO A 250 28.27 9.24 17.45
C PRO A 250 27.18 10.27 17.64
N LYS A 251 26.28 9.96 18.56
CA LYS A 251 25.20 10.89 18.91
C LYS A 251 25.77 12.17 19.50
N ALA A 252 25.53 13.27 18.82
CA ALA A 252 25.98 14.55 19.34
C ALA A 252 25.13 14.96 20.54
N PRO A 253 25.65 15.87 21.37
CA PRO A 253 24.87 16.36 22.50
C PRO A 253 23.51 16.88 22.04
N GLY A 254 22.47 16.55 22.81
CA GLY A 254 21.10 16.96 22.48
C GLY A 254 20.39 16.07 21.49
N PHE A 255 20.99 14.91 21.18
CA PHE A 255 20.44 14.01 20.17
C PHE A 255 18.99 13.61 20.46
N ASP A 256 18.67 13.20 21.70
CA ASP A 256 17.32 12.72 22.00
C ASP A 256 16.24 13.80 21.78
N GLN A 257 16.52 15.06 22.10
CA GLN A 257 15.48 16.08 21.89
C GLN A 257 15.31 16.43 20.42
N ARG A 258 16.44 16.52 19.65
CA ARG A 258 16.28 16.68 18.20
C ARG A 258 15.54 15.47 17.61
N LEU A 259 15.79 14.26 18.15
CA LEU A 259 15.10 13.09 17.64
C LEU A 259 13.58 13.30 17.75
N LEU A 260 13.13 13.86 18.87
CA LEU A 260 11.71 14.19 18.98
C LEU A 260 11.25 15.17 17.89
N LEU A 261 12.04 16.21 17.63
CA LEU A 261 11.64 17.18 16.60
C LEU A 261 11.50 16.51 15.22
N TYR A 262 12.41 15.59 14.90
CA TYR A 262 12.41 14.93 13.60
C TYR A 262 11.27 13.90 13.49
N GLN A 263 11.02 13.20 14.61
CA GLN A 263 9.87 12.29 14.64
C GLN A 263 8.57 13.06 14.50
N LEU A 264 8.51 14.27 15.07
CA LEU A 264 7.33 15.13 14.91
C LEU A 264 7.03 15.37 13.44
N PHE A 265 8.05 15.74 12.67
CA PHE A 265 7.82 15.91 11.24
C PHE A 265 7.12 14.68 10.65
N ASN A 266 7.64 13.49 11.00
CA ASN A 266 7.07 12.27 10.41
C ASN A 266 5.64 12.01 10.91
N TYR A 267 5.36 12.30 12.19
CA TYR A 267 3.97 12.15 12.66
C TYR A 267 3.03 13.09 11.92
N LEU A 268 3.45 14.34 11.68
CA LEU A 268 2.64 15.30 10.93
C LEU A 268 2.42 14.85 9.51
N ASN A 269 3.47 14.31 8.87
CA ASN A 269 3.33 13.76 7.52
C ASN A 269 2.34 12.61 7.50
N HIS A 270 2.33 11.80 8.54
CA HIS A 270 1.38 10.69 8.59
C HIS A 270 -0.04 11.17 8.86
N TRP A 271 -0.17 12.23 9.65
CA TRP A 271 -1.49 12.85 9.83
C TRP A 271 -2.02 13.39 8.50
N ASN A 272 -1.19 14.10 7.74
CA ASN A 272 -1.64 14.59 6.43
C ASN A 272 -1.94 13.44 5.46
N HIS A 273 -1.16 12.34 5.51
CA HIS A 273 -1.42 11.21 4.60
C HIS A 273 -2.60 10.32 5.00
N PHE A 274 -2.70 9.97 6.27
CA PHE A 274 -3.57 8.92 6.77
C PHE A 274 -4.65 9.41 7.74
N GLY A 275 -4.61 10.68 8.14
CA GLY A 275 -5.67 11.27 8.94
C GLY A 275 -5.41 11.24 10.44
N ARG A 276 -6.51 11.40 11.19
CA ARG A 276 -6.48 11.73 12.61
C ARG A 276 -5.95 10.63 13.52
N GLU A 277 -5.76 9.39 13.02
CA GLU A 277 -5.03 8.38 13.77
C GLU A 277 -3.69 8.93 14.26
N TYR A 278 -3.11 9.87 13.52
CA TYR A 278 -1.79 10.42 13.88
C TYR A 278 -1.88 11.78 14.55
N ARG A 279 -3.08 12.24 14.88
CA ARG A 279 -3.18 13.51 15.61
C ARG A 279 -2.60 13.38 17.02
N SER A 280 -2.94 12.29 17.71
CA SER A 280 -2.48 12.12 19.08
C SER A 280 -0.95 12.10 19.20
N PRO A 281 -0.22 11.32 18.40
CA PRO A 281 1.26 11.39 18.49
C PRO A 281 1.82 12.75 18.09
N SER A 282 1.24 13.39 17.06
CA SER A 282 1.76 14.70 16.66
C SER A 282 1.70 15.66 17.83
N LEU A 283 0.50 15.87 18.36
CA LEU A 283 0.32 16.80 19.47
C LEU A 283 1.15 16.37 20.67
N GLY A 284 1.20 15.06 20.94
CA GLY A 284 1.92 14.58 22.10
C GLY A 284 3.41 14.83 21.97
N THR A 285 3.95 14.65 20.76
CA THR A 285 5.38 14.94 20.57
C THR A 285 5.64 16.41 20.76
N MET A 286 4.73 17.25 20.26
CA MET A 286 4.89 18.67 20.49
C MET A 286 4.90 18.95 21.99
N ARG A 287 4.03 18.27 22.74
CA ARG A 287 3.98 18.56 24.17
C ARG A 287 5.27 18.12 24.84
N ARG A 288 5.85 17.00 24.40
CA ARG A 288 7.10 16.54 25.00
C ARG A 288 8.20 17.55 24.72
N LEU A 289 8.18 18.16 23.53
CA LEU A 289 9.19 19.14 23.18
C LEU A 289 9.04 20.41 23.99
N LEU A 290 7.83 20.70 24.49
CA LEU A 290 7.60 21.93 25.24
C LEU A 290 7.74 21.75 26.75
N LYS A 291 7.95 20.52 27.23
CA LYS A 291 7.97 20.27 28.67
C LYS A 291 9.21 20.89 29.31
N ALA B 1 -2.56 -3.86 -22.65
CA ALA B 1 -2.74 -2.42 -22.50
C ALA B 1 -1.49 -1.81 -21.86
N MET B 2 -1.43 -1.84 -20.52
CA MET B 2 -0.20 -1.44 -19.84
C MET B 2 0.94 -2.33 -20.28
N GLU B 3 0.66 -3.62 -20.47
CA GLU B 3 1.67 -4.53 -20.98
C GLU B 3 2.11 -4.12 -22.37
N GLN B 4 1.14 -3.69 -23.21
CA GLN B 4 1.51 -3.26 -24.56
C GLN B 4 2.39 -2.03 -24.53
N LEU B 5 2.05 -1.08 -23.65
CA LEU B 5 2.89 0.10 -23.53
C LEU B 5 4.28 -0.26 -23.05
N LEU B 6 4.39 -1.20 -22.11
CA LEU B 6 5.71 -1.59 -21.59
C LEU B 6 6.52 -2.28 -22.66
N ARG B 7 5.92 -3.24 -23.40
CA ARG B 7 6.62 -3.89 -24.50
C ARG B 7 7.16 -2.86 -25.49
N ALA B 8 6.37 -1.85 -25.81
CA ALA B 8 6.82 -0.84 -26.79
C ALA B 8 7.88 0.08 -26.19
N GLU B 9 7.66 0.58 -24.98
CA GLU B 9 8.60 1.55 -24.41
C GLU B 9 9.92 0.91 -24.05
N LEU B 10 9.91 -0.36 -23.66
CA LEU B 10 11.11 -1.10 -23.24
C LEU B 10 11.71 -1.96 -24.34
N ARG B 11 10.95 -2.25 -25.41
CA ARG B 11 11.43 -3.01 -26.58
C ARG B 11 11.66 -4.49 -26.25
N THR B 12 10.65 -5.14 -25.70
CA THR B 12 10.74 -6.55 -25.32
C THR B 12 9.65 -7.37 -26.01
N ALA B 13 10.03 -8.53 -26.54
CA ALA B 13 9.02 -9.41 -27.13
C ALA B 13 8.10 -10.00 -26.05
N THR B 14 8.68 -10.55 -24.98
CA THR B 14 7.93 -11.18 -23.90
C THR B 14 7.84 -10.28 -22.67
N LEU B 15 6.83 -10.57 -21.84
CA LEU B 15 6.57 -9.79 -20.64
C LEU B 15 5.64 -10.60 -19.74
N ARG B 16 6.20 -11.27 -18.72
CA ARG B 16 5.40 -12.11 -17.83
C ARG B 16 5.46 -11.56 -16.40
N ALA B 17 4.32 -11.08 -15.90
CA ALA B 17 4.20 -10.62 -14.50
C ALA B 17 4.49 -11.76 -13.52
N PHE B 18 5.09 -11.41 -12.37
CA PHE B 18 5.47 -12.43 -11.39
C PHE B 18 5.56 -11.81 -10.00
N GLY B 19 5.56 -12.69 -8.99
CA GLY B 19 5.52 -12.27 -7.61
C GLY B 19 4.12 -11.80 -7.23
N GLY B 22 7.61 -12.46 2.65
CA GLY B 22 6.68 -11.35 2.58
C GLY B 22 6.03 -11.24 1.20
N ALA B 23 4.70 -11.11 1.19
CA ALA B 23 3.91 -11.12 -0.04
C ALA B 23 2.49 -10.64 0.24
N GLY B 24 2.11 -9.48 -0.30
CA GLY B 24 0.81 -8.87 -0.06
C GLY B 24 0.86 -7.45 0.49
N CYS B 25 -0.24 -6.68 0.34
CA CYS B 25 -0.30 -5.30 0.84
C CYS B 25 -0.91 -5.19 2.23
N ILE B 26 -1.70 -6.16 2.67
CA ILE B 26 -2.34 -6.15 3.97
C ILE B 26 -1.59 -6.99 4.99
N SER B 27 -1.11 -8.15 4.57
CA SER B 27 -0.48 -9.10 5.47
C SER B 27 0.83 -9.58 4.86
N GLU B 28 1.65 -10.18 5.71
CA GLU B 28 2.93 -10.75 5.29
C GLU B 28 2.70 -12.23 4.98
N GLY B 29 3.22 -12.71 3.86
CA GLY B 29 2.92 -14.10 3.54
C GLY B 29 4.15 -14.87 3.12
N ARG B 30 4.28 -16.09 3.65
CA ARG B 30 5.48 -16.89 3.39
C ARG B 30 5.07 -18.35 3.28
N ALA B 31 5.79 -19.07 2.44
CA ALA B 31 5.58 -20.49 2.23
C ALA B 31 6.58 -21.29 3.05
N TYR B 32 6.12 -22.38 3.66
CA TYR B 32 6.98 -23.23 4.47
C TYR B 32 6.79 -24.68 4.06
N ASP B 33 7.87 -25.43 4.05
CA ASP B 33 7.75 -26.87 3.86
C ASP B 33 7.65 -27.54 5.23
N THR B 34 6.68 -28.44 5.38
CA THR B 34 6.39 -29.12 6.64
C THR B 34 6.30 -30.62 6.42
N ASP B 35 6.30 -31.36 7.52
CA ASP B 35 6.22 -32.82 7.43
C ASP B 35 5.00 -33.29 6.63
N ALA B 36 3.90 -32.54 6.68
CA ALA B 36 2.70 -32.94 5.95
C ALA B 36 2.53 -32.26 4.58
N GLY B 37 3.55 -31.57 4.08
CA GLY B 37 3.39 -30.83 2.85
C GLY B 37 3.75 -29.36 2.97
N PRO B 38 3.73 -28.64 1.85
CA PRO B 38 3.94 -27.20 1.91
C PRO B 38 2.68 -26.51 2.41
N VAL B 39 2.89 -25.40 3.12
CA VAL B 39 1.79 -24.55 3.57
C VAL B 39 2.12 -23.12 3.23
N PHE B 40 1.10 -22.26 3.19
CA PHE B 40 1.29 -20.83 3.01
C PHE B 40 0.73 -20.13 4.24
N VAL B 41 1.46 -19.15 4.78
CA VAL B 41 1.08 -18.53 6.06
C VAL B 41 1.03 -17.03 5.88
N LYS B 42 -0.11 -16.43 6.20
CA LYS B 42 -0.31 -14.98 6.27
C LYS B 42 -0.26 -14.52 7.72
N VAL B 43 0.46 -13.43 7.95
CA VAL B 43 0.68 -12.86 9.28
C VAL B 43 0.16 -11.43 9.27
N ASN B 44 -0.64 -11.10 10.24
CA ASN B 44 -1.04 -9.72 10.42
C ASN B 44 -0.97 -9.43 11.91
N ARG B 45 -0.22 -8.38 12.28
CA ARG B 45 0.02 -8.10 13.68
C ARG B 45 -1.04 -7.20 14.32
N ARG B 46 -2.01 -6.69 13.54
CA ARG B 46 -3.03 -5.81 14.10
C ARG B 46 -3.99 -6.60 14.99
N THR B 47 -4.68 -5.87 15.86
CA THR B 47 -5.58 -6.51 16.83
C THR B 47 -6.80 -7.16 16.16
N GLN B 48 -7.25 -6.65 15.03
CA GLN B 48 -8.40 -7.20 14.31
C GLN B 48 -8.01 -8.36 13.39
N ALA B 49 -6.75 -8.80 13.44
CA ALA B 49 -6.24 -9.81 12.51
C ALA B 49 -7.07 -11.08 12.54
N ARG B 50 -7.40 -11.59 13.74
CA ARG B 50 -8.16 -12.84 13.80
C ARG B 50 -9.51 -12.68 13.08
N GLN B 51 -10.20 -11.56 13.32
CA GLN B 51 -11.49 -11.34 12.68
C GLN B 51 -11.36 -11.35 11.17
N MET B 52 -10.32 -10.68 10.65
CA MET B 52 -10.06 -10.65 9.21
C MET B 52 -9.87 -12.06 8.68
N PHE B 53 -9.00 -12.83 9.35
CA PHE B 53 -8.72 -14.18 8.85
C PHE B 53 -9.90 -15.09 9.01
N GLU B 54 -10.72 -14.91 10.05
CA GLU B 54 -11.88 -15.79 10.16
C GLU B 54 -12.87 -15.48 9.02
N GLY B 55 -12.99 -14.20 8.62
CA GLY B 55 -13.81 -13.87 7.44
C GLY B 55 -13.25 -14.49 6.16
N GLU B 56 -11.92 -14.48 5.99
CA GLU B 56 -11.30 -15.12 4.83
C GLU B 56 -11.54 -16.63 4.84
N VAL B 57 -11.48 -17.25 6.02
CA VAL B 57 -11.77 -18.68 6.14
C VAL B 57 -13.21 -18.95 5.70
N ALA B 58 -14.15 -18.15 6.19
CA ALA B 58 -15.55 -18.35 5.81
C ALA B 58 -15.75 -18.15 4.30
N SER B 59 -15.02 -17.18 3.72
CA SER B 59 -15.14 -16.91 2.29
C SER B 59 -14.58 -18.06 1.49
N LEU B 60 -13.38 -18.54 1.88
CA LEU B 60 -12.80 -19.69 1.18
C LEU B 60 -13.71 -20.90 1.26
N GLU B 61 -14.35 -21.11 2.41
CA GLU B 61 -15.21 -22.28 2.54
C GLU B 61 -16.45 -22.17 1.67
N ALA B 62 -17.05 -20.97 1.61
CA ALA B 62 -18.21 -20.78 0.74
C ALA B 62 -17.84 -20.98 -0.73
N LEU B 63 -16.66 -20.49 -1.17
CA LEU B 63 -16.30 -20.70 -2.57
C LEU B 63 -16.04 -22.18 -2.86
N ARG B 64 -15.36 -22.85 -1.93
CA ARG B 64 -14.99 -24.25 -2.13
C ARG B 64 -16.25 -25.12 -2.20
N SER B 65 -17.28 -24.73 -1.44
CA SER B 65 -18.52 -25.50 -1.43
C SER B 65 -19.20 -25.50 -2.78
N THR B 66 -18.97 -24.48 -3.62
CA THR B 66 -19.58 -24.44 -4.95
C THR B 66 -18.97 -25.46 -5.91
N GLY B 67 -17.73 -25.85 -5.69
CA GLY B 67 -17.03 -26.68 -6.66
C GLY B 67 -16.79 -26.08 -8.01
N LEU B 68 -16.86 -24.75 -8.14
CA LEU B 68 -16.71 -24.11 -9.45
C LEU B 68 -15.38 -23.43 -9.68
N VAL B 69 -14.62 -23.15 -8.62
CA VAL B 69 -13.33 -22.45 -8.70
C VAL B 69 -12.37 -23.16 -7.75
N ARG B 70 -11.07 -23.02 -8.02
CA ARG B 70 -10.03 -23.60 -7.14
C ARG B 70 -9.47 -22.51 -6.26
N VAL B 71 -9.51 -22.72 -4.94
CA VAL B 71 -8.97 -21.82 -3.94
C VAL B 71 -8.28 -22.63 -2.86
N PRO B 72 -7.34 -22.01 -2.13
CA PRO B 72 -6.60 -22.74 -1.10
C PRO B 72 -7.55 -23.21 -0.02
N ARG B 73 -7.28 -24.40 0.50
CA ARG B 73 -7.99 -24.89 1.66
C ARG B 73 -7.51 -24.16 2.90
N PRO B 74 -8.42 -23.58 3.70
CA PRO B 74 -7.99 -22.95 4.95
C PRO B 74 -7.66 -24.03 5.97
N MET B 75 -6.55 -23.86 6.70
CA MET B 75 -6.20 -24.83 7.73
C MET B 75 -6.33 -24.30 9.14
N LYS B 76 -5.67 -23.20 9.50
CA LYS B 76 -5.68 -22.84 10.92
C LYS B 76 -5.49 -21.35 11.09
N VAL B 77 -6.19 -20.78 12.07
CA VAL B 77 -5.95 -19.41 12.50
C VAL B 77 -5.40 -19.47 13.92
N ILE B 78 -4.27 -18.79 14.11
CA ILE B 78 -3.41 -18.92 15.28
C ILE B 78 -3.22 -17.53 15.90
N ASP B 79 -3.51 -17.40 17.18
CA ASP B 79 -3.27 -16.14 17.87
C ASP B 79 -1.78 -15.95 18.14
N LEU B 80 -1.27 -14.71 17.89
CA LEU B 80 0.16 -14.42 18.05
C LEU B 80 0.42 -13.75 19.38
N PRO B 81 1.41 -14.20 20.16
CA PRO B 81 1.78 -13.46 21.38
C PRO B 81 2.16 -12.03 21.03
N GLY B 82 1.63 -11.10 21.80
CA GLY B 82 1.85 -9.71 21.47
C GLY B 82 1.03 -9.21 20.30
N GLY B 83 -0.12 -9.83 20.02
CA GLY B 83 -1.09 -9.24 19.13
C GLY B 83 -1.13 -9.77 17.70
N GLY B 84 -2.34 -9.90 17.17
CA GLY B 84 -2.49 -10.32 15.80
C GLY B 84 -2.61 -11.82 15.68
N ALA B 85 -2.35 -12.30 14.47
CA ALA B 85 -2.68 -13.68 14.17
C ALA B 85 -1.96 -14.10 12.93
N ALA B 86 -1.87 -15.42 12.77
CA ALA B 86 -1.35 -16.05 11.57
C ALA B 86 -2.43 -16.98 11.02
N PHE B 87 -2.49 -17.05 9.72
CA PHE B 87 -3.48 -17.88 9.02
C PHE B 87 -2.71 -18.81 8.10
N VAL B 88 -2.79 -20.10 8.39
CA VAL B 88 -2.14 -21.14 7.60
C VAL B 88 -3.17 -21.73 6.66
N MET B 89 -2.75 -21.89 5.40
CA MET B 89 -3.60 -22.52 4.39
C MET B 89 -2.76 -23.37 3.47
N GLU B 90 -3.46 -24.10 2.61
CA GLU B 90 -2.82 -24.95 1.62
C GLU B 90 -1.92 -24.13 0.70
N HIS B 91 -0.71 -24.64 0.45
CA HIS B 91 0.19 -23.97 -0.47
C HIS B 91 -0.14 -24.36 -1.89
N LEU B 92 -0.18 -23.38 -2.81
CA LEU B 92 -0.47 -23.67 -4.21
C LEU B 92 0.63 -23.11 -5.09
N LYS B 93 1.20 -23.94 -5.97
CA LYS B 93 2.17 -23.45 -6.95
C LYS B 93 1.45 -22.69 -8.04
N MET B 94 1.86 -21.44 -8.26
CA MET B 94 1.08 -20.46 -9.01
C MET B 94 1.94 -19.53 -9.83
N LYS B 95 1.46 -19.18 -11.01
CA LYS B 95 2.02 -18.13 -11.84
C LYS B 95 0.92 -17.11 -12.15
N SER B 96 1.32 -15.96 -12.68
CA SER B 96 0.33 -14.91 -12.94
C SER B 96 -0.65 -15.38 -14.02
N LEU B 97 -1.87 -14.86 -13.94
CA LEU B 97 -2.93 -15.29 -14.85
C LEU B 97 -2.61 -14.82 -16.26
N SER B 98 -2.54 -15.74 -17.20
CA SER B 98 -2.35 -15.37 -18.59
C SER B 98 -3.20 -16.24 -19.48
N SER B 99 -2.68 -17.44 -19.83
CA SER B 99 -3.39 -18.29 -20.78
C SER B 99 -4.75 -18.75 -20.24
N GLN B 100 -4.92 -18.81 -18.92
CA GLN B 100 -6.14 -19.34 -18.32
C GLN B 100 -7.19 -18.25 -18.07
N ALA B 101 -7.01 -17.06 -18.65
CA ALA B 101 -7.95 -15.96 -18.37
C ALA B 101 -9.35 -16.25 -18.89
N SER B 102 -9.50 -16.82 -20.09
CA SER B 102 -10.87 -17.03 -20.54
C SER B 102 -11.55 -18.09 -19.70
N LYS B 103 -10.80 -19.12 -19.30
CA LYS B 103 -11.37 -20.12 -18.38
C LYS B 103 -11.83 -19.48 -17.07
N LEU B 104 -11.02 -18.59 -16.51
CA LEU B 104 -11.46 -17.91 -15.28
C LEU B 104 -12.70 -17.07 -15.52
N GLY B 105 -12.79 -16.40 -16.67
CA GLY B 105 -14.02 -15.68 -16.97
C GLY B 105 -15.24 -16.58 -16.94
N GLU B 106 -15.13 -17.78 -17.54
CA GLU B 106 -16.23 -18.74 -17.51
C GLU B 106 -16.56 -19.14 -16.08
N GLN B 107 -15.53 -19.43 -15.29
CA GLN B 107 -15.75 -19.88 -13.92
C GLN B 107 -16.41 -18.80 -13.08
N MET B 108 -15.96 -17.54 -13.23
CA MET B 108 -16.54 -16.51 -12.38
C MET B 108 -17.98 -16.26 -12.75
N ALA B 109 -18.30 -16.38 -14.05
CA ALA B 109 -19.70 -16.26 -14.43
C ALA B 109 -20.53 -17.40 -13.85
N ASP B 110 -20.02 -18.66 -13.93
CA ASP B 110 -20.75 -19.76 -13.30
C ASP B 110 -20.90 -19.55 -11.80
N LEU B 111 -19.86 -19.04 -11.14
CA LEU B 111 -19.96 -18.76 -9.71
C LEU B 111 -21.10 -17.80 -9.44
N HIS B 112 -21.17 -16.71 -10.22
CA HIS B 112 -22.24 -15.75 -9.96
C HIS B 112 -23.62 -16.33 -10.25
N LEU B 113 -23.68 -17.24 -11.19
CA LEU B 113 -24.96 -17.83 -11.58
C LEU B 113 -25.37 -18.98 -10.67
N TYR B 114 -24.44 -19.43 -9.82
CA TYR B 114 -24.70 -20.60 -8.99
C TYR B 114 -25.91 -20.39 -8.09
N ASN B 115 -26.11 -19.20 -7.55
CA ASN B 115 -27.21 -18.98 -6.58
C ASN B 115 -28.57 -19.20 -7.25
N GLN B 116 -28.62 -19.22 -8.58
CA GLN B 116 -29.89 -19.38 -9.33
C GLN B 116 -30.15 -20.87 -9.67
N LYS B 117 -29.13 -21.72 -9.64
CA LYS B 117 -29.24 -23.20 -9.56
C LYS B 117 -30.21 -23.62 -8.45
N GLY B 118 -30.94 -24.73 -8.66
CA GLY B 118 -32.01 -25.14 -7.72
C GLY B 118 -31.55 -25.50 -6.32
N SER B 119 -30.25 -25.74 -6.12
CA SER B 119 -29.80 -26.18 -4.77
C SER B 119 -29.30 -24.99 -3.97
N SER B 120 -29.53 -23.78 -4.46
CA SER B 120 -29.15 -22.56 -3.75
C SER B 120 -30.39 -21.72 -3.45
N TYR B 121 -30.53 -21.25 -2.21
CA TYR B 121 -31.76 -20.56 -1.84
C TYR B 121 -31.55 -19.15 -1.30
N VAL B 122 -30.40 -18.52 -1.53
CA VAL B 122 -30.13 -17.25 -0.85
C VAL B 122 -30.82 -16.10 -1.57
N ASP B 123 -31.83 -15.50 -0.92
CA ASP B 123 -32.64 -14.48 -1.57
C ASP B 123 -32.43 -13.12 -0.96
N LYS B 124 -31.34 -12.92 -0.20
CA LYS B 124 -31.02 -11.60 0.31
C LYS B 124 -29.55 -11.32 0.07
N PHE B 125 -29.19 -10.04 0.21
CA PHE B 125 -27.79 -9.63 0.00
C PHE B 125 -27.11 -9.51 1.34
N GLY B 126 -25.85 -9.92 1.39
CA GLY B 126 -25.15 -9.93 2.68
C GLY B 126 -24.41 -11.23 2.88
N PHE B 127 -24.18 -11.64 4.11
CA PHE B 127 -23.40 -12.86 4.35
C PHE B 127 -23.64 -13.31 5.78
N HIS B 128 -23.31 -14.57 6.07
CA HIS B 128 -23.63 -15.09 7.40
C HIS B 128 -22.60 -14.67 8.46
N THR B 129 -21.54 -13.95 8.09
CA THR B 129 -20.50 -13.56 9.03
C THR B 129 -19.78 -12.32 8.50
N VAL B 130 -19.02 -11.66 9.37
CA VAL B 130 -18.24 -10.48 8.98
C VAL B 130 -17.08 -10.89 8.10
N THR B 131 -16.90 -10.19 6.97
CA THR B 131 -15.72 -10.37 6.11
C THR B 131 -15.07 -9.01 5.98
N CYS B 132 -13.74 -8.96 5.95
CA CYS B 132 -13.05 -7.68 5.97
C CYS B 132 -12.65 -7.25 4.56
N CYS B 133 -12.93 -5.99 4.23
CA CYS B 133 -12.28 -5.39 3.09
C CYS B 133 -10.91 -4.95 3.56
N GLY B 134 -9.86 -5.64 3.11
CA GLY B 134 -8.53 -5.42 3.69
C GLY B 134 -8.54 -5.56 5.18
N PHE B 135 -8.20 -4.53 5.94
CA PHE B 135 -8.29 -4.68 7.39
C PHE B 135 -9.49 -3.97 7.97
N ILE B 136 -10.44 -3.55 7.14
CA ILE B 136 -11.61 -2.79 7.59
C ILE B 136 -12.77 -3.76 7.71
N PRO B 137 -13.33 -3.98 8.90
CA PRO B 137 -14.45 -4.93 9.02
C PRO B 137 -15.68 -4.37 8.33
N GLN B 138 -16.42 -5.24 7.64
CA GLN B 138 -17.65 -4.86 6.97
C GLN B 138 -18.85 -5.45 7.70
N VAL B 139 -19.96 -4.71 7.65
CA VAL B 139 -21.25 -5.26 8.06
C VAL B 139 -21.84 -6.05 6.89
N ASN B 140 -22.29 -7.25 7.18
CA ASN B 140 -22.89 -8.11 6.14
C ASN B 140 -24.34 -8.44 6.45
N GLU B 141 -24.98 -7.59 7.26
CA GLU B 141 -26.39 -7.74 7.64
C GLU B 141 -27.27 -7.93 6.43
N TRP B 142 -28.05 -9.00 6.47
CA TRP B 142 -28.88 -9.34 5.32
C TRP B 142 -29.87 -8.24 4.99
N GLN B 143 -30.03 -7.96 3.70
CA GLN B 143 -30.96 -6.93 3.20
C GLN B 143 -31.65 -7.43 1.95
N ASP B 144 -32.96 -7.16 1.83
CA ASP B 144 -33.64 -7.61 0.60
C ASP B 144 -33.25 -6.82 -0.63
N ASP B 145 -32.82 -5.58 -0.46
CA ASP B 145 -32.64 -4.68 -1.61
C ASP B 145 -31.14 -4.40 -1.80
N TRP B 146 -30.61 -4.72 -2.97
CA TRP B 146 -29.16 -4.53 -3.17
C TRP B 146 -28.76 -3.06 -3.10
N PRO B 147 -29.43 -2.10 -3.76
CA PRO B 147 -28.93 -0.72 -3.63
C PRO B 147 -28.95 -0.24 -2.20
N THR B 148 -29.90 -0.71 -1.39
CA THR B 148 -29.87 -0.37 0.04
C THR B 148 -28.67 -0.98 0.73
N PHE B 149 -28.44 -2.29 0.52
CA PHE B 149 -27.29 -2.93 1.14
C PHE B 149 -26.01 -2.23 0.75
N PHE B 150 -25.84 -1.96 -0.55
CA PHE B 150 -24.58 -1.38 -1.01
C PHE B 150 -24.40 0.06 -0.50
N ALA B 151 -25.45 0.88 -0.56
CA ALA B 151 -25.33 2.25 -0.08
C ALA B 151 -25.03 2.27 1.41
N ARG B 152 -25.72 1.45 2.19
CA ARG B 152 -25.58 1.48 3.65
C ARG B 152 -24.32 0.78 4.14
N HIS B 153 -24.11 -0.48 3.74
CA HIS B 153 -23.05 -1.28 4.35
C HIS B 153 -21.77 -1.31 3.52
N ARG B 154 -21.70 -0.54 2.44
CA ARG B 154 -20.43 -0.41 1.73
C ARG B 154 -20.07 1.07 1.58
N LEU B 155 -20.84 1.82 0.81
CA LEU B 155 -20.45 3.22 0.55
C LEU B 155 -20.54 4.07 1.82
N GLN B 156 -21.66 4.00 2.53
CA GLN B 156 -21.80 4.87 3.72
C GLN B 156 -20.80 4.49 4.80
N ALA B 157 -20.54 3.20 4.97
CA ALA B 157 -19.54 2.78 5.95
C ALA B 157 -18.16 3.37 5.62
N GLN B 158 -17.76 3.31 4.35
CA GLN B 158 -16.48 3.91 3.98
C GLN B 158 -16.49 5.42 4.20
N LEU B 159 -17.58 6.08 3.83
CA LEU B 159 -17.58 7.56 3.92
C LEU B 159 -17.68 8.03 5.36
N ASP B 160 -18.28 7.23 6.25
CA ASP B 160 -18.27 7.55 7.68
C ASP B 160 -16.82 7.50 8.23
N LEU B 161 -16.04 6.49 7.80
CA LEU B 161 -14.62 6.43 8.15
C LEU B 161 -13.85 7.60 7.56
N ILE B 162 -14.16 7.98 6.34
CA ILE B 162 -13.50 9.17 5.78
C ILE B 162 -13.84 10.41 6.59
N GLU B 163 -15.10 10.54 7.04
CA GLU B 163 -15.45 11.69 7.88
C GLU B 163 -14.68 11.64 9.19
N LYS B 164 -14.69 10.49 9.83
CA LYS B 164 -14.01 10.38 11.11
C LYS B 164 -12.52 10.74 10.99
N ASP B 165 -11.85 10.17 10.01
CA ASP B 165 -10.38 10.25 9.98
C ASP B 165 -9.84 11.42 9.18
N TYR B 166 -10.56 11.88 8.16
CA TYR B 166 -10.11 12.94 7.28
C TYR B 166 -11.00 14.18 7.32
N ALA B 167 -12.22 14.07 7.86
CA ALA B 167 -13.14 15.20 7.97
C ALA B 167 -13.23 15.99 6.65
N ASP B 168 -13.40 15.25 5.56
CA ASP B 168 -13.34 15.81 4.22
C ASP B 168 -14.67 16.43 3.83
N ARG B 169 -14.70 17.76 3.69
CA ARG B 169 -15.96 18.44 3.35
C ARG B 169 -16.49 18.03 1.99
N GLU B 170 -15.61 17.96 0.99
CA GLU B 170 -16.05 17.67 -0.36
C GLU B 170 -16.67 16.27 -0.45
N ALA B 171 -16.03 15.29 0.22
CA ALA B 171 -16.60 13.93 0.23
C ALA B 171 -17.99 13.90 0.84
N ARG B 172 -18.18 14.59 1.97
CA ARG B 172 -19.50 14.66 2.62
C ARG B 172 -20.56 15.24 1.69
N GLU B 173 -20.24 16.40 1.07
CA GLU B 173 -21.23 17.12 0.27
C GLU B 173 -21.59 16.37 -1.02
N LEU B 174 -20.55 15.80 -1.66
CA LEU B 174 -20.79 14.97 -2.84
C LEU B 174 -21.59 13.73 -2.49
N TRP B 175 -21.31 13.09 -1.35
CA TRP B 175 -22.05 11.86 -1.02
C TRP B 175 -23.53 12.16 -0.84
N SER B 176 -23.85 13.22 -0.10
CA SER B 176 -25.26 13.56 0.04
C SER B 176 -25.94 13.68 -1.34
N ARG B 177 -25.30 14.36 -2.30
CA ARG B 177 -25.97 14.45 -3.60
C ARG B 177 -26.03 13.09 -4.31
N LEU B 178 -25.01 12.26 -4.14
CA LEU B 178 -24.96 10.97 -4.85
C LEU B 178 -26.00 9.99 -4.33
N GLN B 179 -26.24 9.97 -3.03
CA GLN B 179 -27.25 9.13 -2.42
C GLN B 179 -28.59 9.26 -3.13
N VAL B 180 -28.93 10.48 -3.53
CA VAL B 180 -30.19 10.74 -4.23
C VAL B 180 -30.21 10.08 -5.58
N LYS B 181 -29.06 9.93 -6.20
CA LYS B 181 -29.03 9.41 -7.56
C LYS B 181 -29.03 7.89 -7.61
N ILE B 182 -28.65 7.22 -6.51
CA ILE B 182 -28.28 5.78 -6.60
C ILE B 182 -29.40 4.90 -7.18
N PRO B 183 -30.65 5.00 -6.72
CA PRO B 183 -31.68 4.13 -7.31
C PRO B 183 -31.83 4.25 -8.82
N ASP B 184 -31.67 5.46 -9.38
CA ASP B 184 -31.74 5.64 -10.84
C ASP B 184 -30.67 4.84 -11.58
N LEU B 185 -29.53 4.59 -10.94
CA LEU B 185 -28.48 3.85 -11.63
C LEU B 185 -28.85 2.41 -11.85
N PHE B 186 -29.90 1.92 -11.19
CA PHE B 186 -30.25 0.52 -11.32
C PHE B 186 -31.32 0.27 -12.38
N CYS B 187 -31.81 1.32 -13.05
CA CYS B 187 -32.62 1.15 -14.26
C CYS B 187 -33.86 0.30 -14.06
N GLY B 188 -34.41 0.30 -12.85
CA GLY B 188 -35.58 -0.52 -12.56
C GLY B 188 -35.35 -2.01 -12.61
N LEU B 189 -34.09 -2.45 -12.63
CA LEU B 189 -33.80 -3.86 -12.77
C LEU B 189 -34.09 -4.62 -11.47
N GLU B 190 -34.41 -5.91 -11.62
CA GLU B 190 -34.48 -6.80 -10.48
C GLU B 190 -33.09 -7.40 -10.31
N ILE B 191 -32.45 -7.10 -9.18
CA ILE B 191 -31.10 -7.60 -8.90
C ILE B 191 -31.23 -8.88 -8.09
N VAL B 192 -30.51 -9.92 -8.49
CA VAL B 192 -30.55 -11.18 -7.75
C VAL B 192 -29.22 -11.41 -7.04
N PRO B 193 -29.19 -11.99 -5.83
CA PRO B 193 -27.90 -12.21 -5.12
C PRO B 193 -26.99 -13.18 -5.88
N ALA B 194 -25.68 -12.89 -5.87
CA ALA B 194 -24.68 -13.73 -6.50
C ALA B 194 -23.57 -13.88 -5.50
N LEU B 195 -23.07 -15.10 -5.25
CA LEU B 195 -21.91 -15.23 -4.36
C LEU B 195 -20.67 -14.63 -5.03
N LEU B 196 -20.00 -13.68 -4.34
CA LEU B 196 -18.85 -12.99 -4.91
C LEU B 196 -17.58 -13.42 -4.21
N HIS B 197 -16.50 -13.52 -4.99
CA HIS B 197 -15.15 -13.56 -4.42
C HIS B 197 -14.96 -12.32 -3.54
N GLY B 198 -15.29 -11.15 -4.07
CA GLY B 198 -15.35 -9.91 -3.30
C GLY B 198 -14.11 -9.04 -3.38
N ASP B 199 -13.01 -9.56 -3.94
CA ASP B 199 -11.75 -8.78 -4.01
C ASP B 199 -10.93 -9.24 -5.21
N LEU B 200 -11.57 -9.28 -6.37
CA LEU B 200 -10.99 -9.93 -7.54
C LEU B 200 -10.07 -9.01 -8.31
N TRP B 201 -9.09 -8.45 -7.60
N TRP B 201 -9.13 -8.38 -7.62
CA TRP B 201 -8.02 -7.69 -8.21
CA TRP B 201 -8.11 -7.65 -8.35
C TRP B 201 -7.08 -8.65 -8.93
C TRP B 201 -7.08 -8.62 -8.91
N SER B 202 -6.40 -8.17 -9.96
CA SER B 202 -5.48 -9.08 -10.69
C SER B 202 -4.41 -9.69 -9.77
N GLY B 203 -4.06 -9.02 -8.67
CA GLY B 203 -3.10 -9.59 -7.72
C GLY B 203 -3.64 -10.77 -6.91
N ASN B 204 -4.93 -11.05 -7.01
CA ASN B 204 -5.59 -12.11 -6.24
C ASN B 204 -6.03 -13.24 -7.13
N VAL B 205 -5.56 -13.28 -8.39
CA VAL B 205 -5.85 -14.42 -9.28
C VAL B 205 -4.53 -14.90 -9.89
N ALA B 206 -4.51 -16.14 -10.34
CA ALA B 206 -3.26 -16.78 -10.80
C ALA B 206 -3.65 -18.03 -11.57
N GLU B 207 -2.66 -18.83 -11.94
CA GLU B 207 -2.99 -20.06 -12.63
C GLU B 207 -1.87 -21.06 -12.39
N ASP B 208 -2.19 -22.32 -12.62
CA ASP B 208 -1.18 -23.38 -12.70
C ASP B 208 -1.47 -24.17 -13.97
N ASP B 209 -0.91 -25.38 -14.08
CA ASP B 209 -1.13 -26.21 -15.26
C ASP B 209 -2.56 -26.77 -15.38
N VAL B 210 -3.29 -26.87 -14.28
CA VAL B 210 -4.66 -27.36 -14.38
C VAL B 210 -5.60 -26.23 -14.82
N GLY B 211 -5.32 -24.97 -14.41
CA GLY B 211 -6.23 -23.90 -14.75
C GLY B 211 -6.05 -22.73 -13.79
N PRO B 212 -7.02 -21.83 -13.78
CA PRO B 212 -6.90 -20.63 -12.93
C PRO B 212 -7.16 -20.98 -11.47
N ILE B 213 -6.69 -20.09 -10.61
CA ILE B 213 -6.80 -20.17 -9.15
C ILE B 213 -7.12 -18.76 -8.63
N ILE B 214 -7.97 -18.64 -7.59
CA ILE B 214 -8.23 -17.32 -7.00
C ILE B 214 -8.07 -17.49 -5.50
N TYR B 215 -7.75 -16.39 -4.79
CA TYR B 215 -7.46 -16.46 -3.36
C TYR B 215 -7.69 -15.09 -2.74
N ASP B 216 -7.49 -14.99 -1.44
CA ASP B 216 -7.72 -13.76 -0.67
C ASP B 216 -9.14 -13.21 -0.85
N PRO B 217 -10.19 -14.04 -0.78
CA PRO B 217 -11.56 -13.53 -0.97
C PRO B 217 -12.05 -12.77 0.25
N ALA B 218 -13.08 -11.97 0.00
CA ALA B 218 -13.81 -11.23 1.05
C ALA B 218 -15.27 -11.30 0.60
N SER B 219 -15.88 -12.46 0.88
CA SER B 219 -17.06 -12.87 0.13
C SER B 219 -18.35 -12.35 0.76
N PHE B 220 -19.39 -12.24 -0.08
CA PHE B 220 -20.73 -11.90 0.37
C PHE B 220 -21.64 -12.11 -0.83
N TYR B 221 -22.95 -12.09 -0.61
CA TYR B 221 -23.91 -12.16 -1.70
C TYR B 221 -24.22 -10.74 -2.14
N GLY B 222 -23.88 -10.43 -3.39
CA GLY B 222 -23.95 -9.06 -3.87
C GLY B 222 -24.47 -9.06 -5.31
N HIS B 223 -24.46 -7.89 -5.96
CA HIS B 223 -24.69 -7.81 -7.39
C HIS B 223 -23.48 -8.37 -8.13
N SER B 224 -23.73 -9.27 -9.10
CA SER B 224 -22.62 -9.87 -9.85
C SER B 224 -21.68 -8.81 -10.43
N GLU B 225 -22.23 -7.69 -10.89
CA GLU B 225 -21.39 -6.68 -11.53
C GLU B 225 -20.32 -6.12 -10.59
N PHE B 226 -20.61 -6.05 -9.29
CA PHE B 226 -19.63 -5.46 -8.36
C PHE B 226 -18.29 -6.20 -8.45
N GLU B 227 -18.33 -7.51 -8.69
CA GLU B 227 -17.07 -8.29 -8.76
C GLU B 227 -16.07 -7.68 -9.75
N LEU B 228 -16.57 -7.26 -10.93
CA LEU B 228 -15.72 -6.81 -12.04
C LEU B 228 -15.12 -5.41 -11.86
N ALA B 229 -15.63 -4.61 -10.94
CA ALA B 229 -15.15 -3.25 -10.89
C ALA B 229 -13.68 -3.18 -10.51
N ILE B 230 -13.29 -3.91 -9.46
CA ILE B 230 -11.87 -3.87 -9.07
C ILE B 230 -10.99 -4.53 -10.14
N ALA B 231 -11.50 -5.59 -10.78
CA ALA B 231 -10.76 -6.21 -11.88
C ALA B 231 -10.48 -5.19 -12.98
N LEU B 232 -11.47 -4.37 -13.30
CA LEU B 232 -11.30 -3.40 -14.39
C LEU B 232 -10.44 -2.22 -13.97
N MET B 233 -10.61 -1.68 -12.75
CA MET B 233 -9.97 -0.39 -12.48
C MET B 233 -8.46 -0.50 -12.32
N PHE B 234 -7.93 -1.63 -11.84
CA PHE B 234 -6.48 -1.74 -11.68
C PHE B 234 -5.84 -2.56 -12.77
N GLY B 235 -6.64 -3.04 -13.74
CA GLY B 235 -6.14 -3.76 -14.91
C GLY B 235 -5.56 -5.12 -14.55
N GLY B 236 -4.82 -5.70 -15.51
CA GLY B 236 -4.16 -6.97 -15.28
C GLY B 236 -4.88 -8.19 -15.78
N PHE B 237 -6.16 -8.06 -16.17
CA PHE B 237 -6.91 -9.18 -16.73
C PHE B 237 -6.92 -9.07 -18.25
N PRO B 238 -6.51 -10.12 -18.97
CA PRO B 238 -6.66 -10.11 -20.43
C PRO B 238 -8.10 -9.88 -20.85
N ARG B 239 -8.25 -9.27 -22.02
CA ARG B 239 -9.58 -9.04 -22.60
C ARG B 239 -10.41 -10.32 -22.63
N SER B 240 -9.78 -11.47 -22.90
CA SER B 240 -10.52 -12.74 -23.03
C SER B 240 -11.24 -13.13 -21.74
N PHE B 241 -10.75 -12.68 -20.57
CA PHE B 241 -11.49 -12.88 -19.31
C PHE B 241 -12.88 -12.25 -19.40
N PHE B 242 -12.94 -10.97 -19.77
CA PHE B 242 -14.24 -10.28 -19.81
C PHE B 242 -15.09 -10.81 -20.94
N THR B 243 -14.49 -11.14 -22.08
CA THR B 243 -15.28 -11.67 -23.19
C THR B 243 -16.00 -12.95 -22.78
N ALA B 244 -15.26 -13.88 -22.16
CA ALA B 244 -15.88 -15.14 -21.74
C ALA B 244 -16.92 -14.89 -20.67
N TYR B 245 -16.64 -13.97 -19.74
CA TYR B 245 -17.60 -13.72 -18.68
C TYR B 245 -18.93 -13.20 -19.24
N HIS B 246 -18.88 -12.22 -20.14
CA HIS B 246 -20.09 -11.57 -20.62
C HIS B 246 -20.77 -12.39 -21.70
N ARG B 247 -20.10 -13.38 -22.28
N ARG B 247 -20.10 -13.37 -22.29
CA ARG B 247 -20.84 -14.36 -23.06
CA ARG B 247 -20.82 -14.37 -23.07
C ARG B 247 -21.87 -15.08 -22.21
C ARG B 247 -21.86 -15.08 -22.21
N LYS B 248 -21.57 -15.30 -20.92
CA LYS B 248 -22.51 -15.97 -20.04
C LYS B 248 -23.42 -15.02 -19.28
N ILE B 249 -22.93 -13.83 -18.92
CA ILE B 249 -23.75 -12.83 -18.22
C ILE B 249 -23.62 -11.52 -18.97
N PRO B 250 -24.49 -11.24 -19.93
CA PRO B 250 -24.41 -9.99 -20.69
C PRO B 250 -24.57 -8.78 -19.80
N LYS B 251 -24.03 -7.65 -20.25
CA LYS B 251 -24.20 -6.39 -19.54
C LYS B 251 -25.64 -5.93 -19.56
N ALA B 252 -26.24 -5.78 -18.37
CA ALA B 252 -27.57 -5.20 -18.21
C ALA B 252 -27.53 -3.70 -18.52
N PRO B 253 -28.67 -3.06 -18.81
CA PRO B 253 -28.67 -1.63 -19.06
C PRO B 253 -28.11 -0.88 -17.84
N GLY B 254 -27.39 0.19 -18.12
CA GLY B 254 -26.81 1.01 -17.06
C GLY B 254 -25.52 0.46 -16.49
N PHE B 255 -24.96 -0.58 -17.11
CA PHE B 255 -23.73 -1.23 -16.62
C PHE B 255 -22.59 -0.22 -16.43
N ASP B 256 -22.37 0.65 -17.41
CA ASP B 256 -21.22 1.55 -17.35
C ASP B 256 -21.32 2.52 -16.17
N GLN B 257 -22.53 2.99 -15.86
CA GLN B 257 -22.65 3.92 -14.73
C GLN B 257 -22.55 3.21 -13.38
N ARG B 258 -23.13 2.00 -13.30
CA ARG B 258 -22.92 1.24 -12.08
C ARG B 258 -21.45 0.93 -11.90
N LEU B 259 -20.74 0.70 -13.00
CA LEU B 259 -19.31 0.42 -12.88
C LEU B 259 -18.61 1.56 -12.16
N LEU B 260 -18.95 2.81 -12.51
CA LEU B 260 -18.37 3.94 -11.75
C LEU B 260 -18.72 3.85 -10.27
N LEU B 261 -19.98 3.51 -9.94
CA LEU B 261 -20.39 3.44 -8.51
C LEU B 261 -19.60 2.36 -7.73
N TYR B 262 -19.39 1.21 -8.39
CA TYR B 262 -18.67 0.13 -7.74
C TYR B 262 -17.16 0.45 -7.63
N GLN B 263 -16.61 1.12 -8.65
CA GLN B 263 -15.22 1.56 -8.55
C GLN B 263 -15.07 2.62 -7.49
N LEU B 264 -16.10 3.46 -7.32
CA LEU B 264 -16.04 4.45 -6.25
C LEU B 264 -15.82 3.77 -4.92
N PHE B 265 -16.59 2.70 -4.66
CA PHE B 265 -16.38 2.00 -3.40
C PHE B 265 -14.90 1.61 -3.22
N ASN B 266 -14.31 1.09 -4.31
CA ASN B 266 -12.92 0.62 -4.18
C ASN B 266 -11.96 1.78 -3.93
N TYR B 267 -12.21 2.93 -4.57
CA TYR B 267 -11.36 4.12 -4.33
C TYR B 267 -11.48 4.60 -2.90
N LEU B 268 -12.71 4.62 -2.35
CA LEU B 268 -12.91 5.02 -0.94
C LEU B 268 -12.18 4.07 -0.01
N ASN B 269 -12.27 2.77 -0.30
CA ASN B 269 -11.58 1.79 0.52
C ASN B 269 -10.07 1.99 0.45
N HIS B 270 -9.55 2.39 -0.72
CA HIS B 270 -8.12 2.65 -0.86
C HIS B 270 -7.72 3.95 -0.16
N TRP B 271 -8.62 4.92 -0.15
CA TRP B 271 -8.39 6.14 0.63
C TRP B 271 -8.27 5.81 2.12
N ASN B 272 -9.20 4.99 2.63
CA ASN B 272 -9.12 4.58 4.03
C ASN B 272 -7.89 3.72 4.33
N HIS B 273 -7.55 2.78 3.43
CA HIS B 273 -6.39 1.93 3.73
C HIS B 273 -5.06 2.67 3.54
N PHE B 274 -4.93 3.39 2.44
CA PHE B 274 -3.65 3.85 1.92
C PHE B 274 -3.47 5.36 1.89
N GLY B 275 -4.51 6.12 2.21
CA GLY B 275 -4.39 7.56 2.43
C GLY B 275 -4.75 8.46 1.26
N ARG B 276 -4.26 9.70 1.37
CA ARG B 276 -4.78 10.84 0.62
C ARG B 276 -4.54 10.73 -0.87
N GLU B 277 -3.61 9.88 -1.28
CA GLU B 277 -3.39 9.57 -2.68
C GLU B 277 -4.71 9.24 -3.37
N TYR B 278 -5.65 8.68 -2.64
CA TYR B 278 -6.89 8.20 -3.25
C TYR B 278 -8.05 9.17 -3.05
N ARG B 279 -7.79 10.37 -2.50
CA ARG B 279 -8.86 11.35 -2.42
C ARG B 279 -9.29 11.82 -3.82
N SER B 280 -8.33 12.15 -4.69
CA SER B 280 -8.70 12.66 -6.02
C SER B 280 -9.55 11.69 -6.86
N PRO B 281 -9.20 10.41 -6.98
CA PRO B 281 -10.11 9.52 -7.75
C PRO B 281 -11.45 9.35 -7.07
N SER B 282 -11.48 9.32 -5.73
CA SER B 282 -12.76 9.17 -5.05
C SER B 282 -13.69 10.32 -5.42
N LEU B 283 -13.24 11.56 -5.15
CA LEU B 283 -14.07 12.71 -5.44
C LEU B 283 -14.36 12.81 -6.92
N GLY B 284 -13.36 12.47 -7.74
CA GLY B 284 -13.54 12.59 -9.18
C GLY B 284 -14.61 11.64 -9.69
N THR B 285 -14.65 10.44 -9.11
CA THR B 285 -15.66 9.48 -9.55
C THR B 285 -17.03 9.95 -9.12
N MET B 286 -17.14 10.51 -7.90
CA MET B 286 -18.43 11.00 -7.47
C MET B 286 -18.89 12.12 -8.40
N ARG B 287 -17.96 13.02 -8.75
CA ARG B 287 -18.39 14.11 -9.61
C ARG B 287 -18.79 13.59 -10.96
N ARG B 288 -18.13 12.54 -11.43
CA ARG B 288 -18.50 12.00 -12.73
C ARG B 288 -19.90 11.41 -12.67
N LEU B 289 -20.26 10.79 -11.54
CA LEU B 289 -21.59 10.22 -11.41
C LEU B 289 -22.64 11.31 -11.35
N LEU B 290 -22.25 12.49 -10.87
CA LEU B 290 -23.21 13.56 -10.63
C LEU B 290 -23.32 14.52 -11.82
N LYS B 291 -22.55 14.27 -12.87
CA LYS B 291 -22.43 15.13 -14.03
C LYS B 291 -23.70 15.09 -14.89
MG MG C . 7.99 2.44 0.08
S SO4 D . -6.26 16.36 23.36
O1 SO4 D . -7.25 16.76 22.36
O2 SO4 D . -6.70 15.12 24.01
O3 SO4 D . -4.94 16.13 22.75
O4 SO4 D . -6.16 17.44 24.34
PB ADP E . 5.74 2.12 -2.55
O1B ADP E . 5.97 2.01 -1.05
O2B ADP E . 5.98 3.50 -3.13
O3B ADP E . 4.41 1.55 -2.96
PA ADP E . 8.40 0.84 -2.78
O1A ADP E . 9.37 1.42 -3.78
O2A ADP E . 8.60 1.15 -1.31
O3A ADP E . 6.87 1.16 -3.27
O5' ADP E . 8.48 -0.77 -2.95
C5' ADP E . 7.64 -1.62 -2.15
C4' ADP E . 8.02 -3.08 -2.34
O4' ADP E . 8.15 -3.34 -3.73
C3' ADP E . 9.38 -3.45 -1.76
O3' ADP E . 9.32 -3.80 -0.38
C2' ADP E . 9.87 -4.57 -2.66
O2' ADP E . 9.50 -5.91 -2.26
C1' ADP E . 9.23 -4.24 -3.99
N9 ADP E . 10.22 -3.54 -4.84
C8 ADP E . 10.39 -2.21 -4.91
N7 ADP E . 11.35 -1.87 -5.80
C5 ADP E . 11.83 -3.01 -6.29
C6 ADP E . 12.88 -3.36 -7.27
N6 ADP E . 13.56 -2.37 -7.87
N1 ADP E . 13.09 -4.68 -7.55
C2 ADP E . 12.36 -5.62 -6.93
N3 ADP E . 11.41 -5.35 -6.01
C4 ADP E . 11.08 -4.10 -5.68
C1 GOL F . 27.01 -0.68 -4.56
O1 GOL F . 27.07 0.63 -5.06
C2 GOL F . 27.44 -0.61 -3.05
O2 GOL F . 27.10 -1.78 -2.38
C3 GOL F . 28.94 -0.48 -3.05
O3 GOL F . 29.38 -1.28 -1.98
N A1A0O G . 4.43 4.53 6.98
CA A1A0O G . 5.64 4.99 6.19
C A1A0O G . 5.47 5.44 4.69
O A1A0O G . 4.54 5.08 3.95
CAA A1A0O G . 3.61 3.52 6.32
CAB A1A0O G . 2.44 3.05 7.21
CAD A1A0O G . 4.02 3.02 9.01
CAE A1A0O G . 4.98 3.94 8.23
CAJ A1A0O G . 6.64 6.31 4.11
CAK A1A0O G . 6.48 7.86 4.27
CAL A1A0O G . 5.02 8.44 4.36
CAM A1A0O G . 4.25 8.40 3.03
OAC A1A0O G . 2.68 3.28 8.62
OAN A1A0O G . 3.92 7.07 2.63
OAO A1A0O G . 4.25 7.79 5.38
OAP A1A0O G . 7.27 8.28 5.41
OAQ A1A0O G . 6.94 6.00 2.71
S SO4 H . -3.64 -3.30 -18.08
O1 SO4 H . -3.93 -1.87 -18.32
O2 SO4 H . -4.91 -4.02 -17.99
O3 SO4 H . -2.86 -3.93 -19.17
O4 SO4 H . -2.88 -3.43 -16.83
S SO4 I . -5.21 -8.43 -24.32
O1 SO4 I . -5.88 -8.03 -25.57
O2 SO4 I . -4.97 -9.87 -24.33
O3 SO4 I . -3.95 -7.69 -24.10
O4 SO4 I . -6.10 -8.10 -23.21
PB ADP J . -2.75 -9.97 1.25
O1B ADP J . -4.13 -10.20 1.87
O2B ADP J . -1.77 -9.50 2.30
O3B ADP J . -2.76 -9.03 0.05
PA ADP J . -2.54 -12.44 -0.48
O1A ADP J . -3.15 -11.65 -1.63
O2A ADP J . -3.36 -13.61 0.08
O3A ADP J . -2.11 -11.41 0.73
O5' ADP J . -1.18 -13.13 -1.01
C5' ADP J . -0.12 -12.38 -1.65
C4' ADP J . 0.76 -13.28 -2.53
O4' ADP J . 1.03 -14.53 -1.89
C3' ADP J . 0.13 -13.64 -3.89
O3' ADP J . 0.53 -12.72 -4.93
C2' ADP J . 0.63 -15.03 -4.20
O2' ADP J . 1.83 -14.89 -4.98
C1' ADP J . 1.02 -15.61 -2.85
N9 ADP J . 0.03 -16.62 -2.33
C8 ADP J . -1.17 -16.32 -1.80
N7 ADP J . -1.83 -17.43 -1.37
C5 ADP J . -1.02 -18.46 -1.62
C6 ADP J . -1.08 -19.90 -1.40
N6 ADP J . -2.19 -20.40 -0.81
N1 ADP J . -0.02 -20.64 -1.79
C2 ADP J . 1.08 -20.09 -2.34
N3 ADP J . 1.21 -18.77 -2.57
C4 ADP J . 0.22 -17.93 -2.22
C1 GOL K . -11.35 -27.12 -16.35
O1 GOL K . -12.37 -26.79 -17.20
C2 GOL K . -10.73 -28.34 -16.94
O2 GOL K . -9.47 -28.56 -16.43
C3 GOL K . -11.68 -29.46 -16.62
O3 GOL K . -11.09 -30.57 -17.20
N A1A0O L . -4.82 -2.72 -4.07
CA A1A0O L . -5.59 -3.98 -3.88
C A1A0O L . -5.83 -4.48 -2.43
O A1A0O L . -5.16 -4.15 -1.44
CAA A1A0O L . -3.54 -2.75 -3.36
CAB A1A0O L . -2.67 -1.58 -3.65
CAD A1A0O L . -3.37 -1.74 -5.89
CAE A1A0O L . -4.56 -2.64 -5.54
CAJ A1A0O L . -7.06 -5.43 -2.25
CAK A1A0O L . -8.36 -4.68 -1.77
CAL A1A0O L . -8.21 -3.61 -0.67
CAM A1A0O L . -8.22 -4.35 0.62
OAC A1A0O L . -3.07 -0.87 -4.80
OAN A1A0O L . -6.85 -4.69 0.87
OAO A1A0O L . -6.94 -2.89 -0.70
OAP A1A0O L . -9.06 -4.09 -2.86
OAQ A1A0O L . -6.75 -6.52 -1.35
#